data_4ZKI
#
_entry.id   4ZKI
#
_cell.length_a   53.499
_cell.length_b   96.034
_cell.length_c   119.351
_cell.angle_alpha   90.00
_cell.angle_beta   90.00
_cell.angle_gamma   90.00
#
_symmetry.space_group_name_H-M   'P 21 21 21'
#
loop_
_entity.id
_entity.type
_entity.pdbx_description
1 polymer 'Histidine kinase'
2 non-polymer "ADENOSINE-5'-DIPHOSPHATE"
#
_entity_poly.entity_id   1
_entity_poly.type   'polypeptide(L)'
_entity_poly.pdbx_seq_one_letter_code
;MGSSHHHHHHSSGLVPRGSAEFHDVTEQQKIDNDRKQFVSNVSHELRTPLTSLRSYIEALSDGAWKDPEVAPGFLKVTQE
ETDRMIRMINELLSLSRMDSGTTRVDMELVNINEMFNYVLDRFDMILKKDDNPAKYYTIKREFTKRDLWVEIDTDKFTQV
LDNIMNNAIKYSPDGGVVTCRLLETHNQVIISISDQGLGIPRADLGHVFDRFFRVDKARSRAQGGTGLGLAISKEVVQML
GGRIWVDSVEGKGSTFYISLPYEPYEEEDLWDDDSQA
;
_entity_poly.pdbx_strand_id   A,B
#
# COMPACT_ATOMS: atom_id res chain seq x y z
N VAL A 25 -32.60 -9.63 4.41
CA VAL A 25 -33.71 -8.66 4.42
C VAL A 25 -33.11 -7.28 4.52
N THR A 26 -32.75 -6.87 5.72
CA THR A 26 -32.07 -5.63 5.91
C THR A 26 -30.85 -6.17 6.66
N GLU A 27 -30.97 -7.40 7.14
CA GLU A 27 -29.86 -8.16 7.73
C GLU A 27 -28.73 -8.36 6.74
N GLN A 28 -28.94 -9.24 5.77
CA GLN A 28 -27.97 -9.45 4.70
C GLN A 28 -27.77 -8.17 3.92
N GLN A 29 -28.80 -7.36 3.89
CA GLN A 29 -28.83 -6.17 3.03
C GLN A 29 -27.99 -5.04 3.53
N LYS A 30 -28.04 -4.75 4.82
CA LYS A 30 -27.15 -3.75 5.37
C LYS A 30 -25.71 -4.18 5.00
N ILE A 31 -25.40 -5.46 5.20
CA ILE A 31 -24.08 -6.00 4.82
C ILE A 31 -23.69 -5.67 3.37
N ASP A 32 -24.51 -6.11 2.44
CA ASP A 32 -24.20 -5.95 1.03
C ASP A 32 -24.10 -4.46 0.63
N ASN A 33 -25.00 -3.64 1.17
CA ASN A 33 -25.03 -2.19 0.88
C ASN A 33 -23.81 -1.43 1.40
N ASP A 34 -23.51 -1.62 2.69
CA ASP A 34 -22.27 -1.12 3.27
C ASP A 34 -21.12 -1.52 2.36
N ARG A 35 -21.00 -2.82 2.03
CA ARG A 35 -19.93 -3.29 1.13
C ARG A 35 -19.84 -2.54 -0.22
N LYS A 36 -20.99 -2.32 -0.88
CA LYS A 36 -20.99 -1.69 -2.20
C LYS A 36 -20.67 -0.20 -2.12
N GLN A 37 -21.05 0.45 -1.04
CA GLN A 37 -20.66 1.85 -0.94
C GLN A 37 -19.21 2.00 -0.53
N PHE A 38 -18.70 1.01 0.18
CA PHE A 38 -17.28 1.02 0.48
C PHE A 38 -16.47 0.86 -0.79
N VAL A 39 -16.91 -0.05 -1.66
CA VAL A 39 -16.27 -0.17 -2.97
C VAL A 39 -16.39 1.13 -3.79
N SER A 40 -17.54 1.77 -3.75
CA SER A 40 -17.67 3.01 -4.52
C SER A 40 -16.69 4.07 -3.99
N ASN A 41 -16.58 4.18 -2.67
CA ASN A 41 -15.67 5.14 -2.07
C ASN A 41 -14.21 4.82 -2.30
N VAL A 42 -13.86 3.54 -2.31
CA VAL A 42 -12.49 3.19 -2.60
C VAL A 42 -12.18 3.63 -4.01
N SER A 43 -13.08 3.32 -4.94
CA SER A 43 -12.91 3.79 -6.31
C SER A 43 -12.59 5.28 -6.37
N HIS A 44 -13.44 6.10 -5.76
CA HIS A 44 -13.25 7.55 -5.84
C HIS A 44 -11.99 8.00 -5.12
N GLU A 45 -11.80 7.53 -3.89
CA GLU A 45 -10.73 8.01 -3.01
C GLU A 45 -9.36 7.62 -3.52
N LEU A 46 -9.32 6.55 -4.30
CA LEU A 46 -8.12 6.16 -5.02
C LEU A 46 -7.92 6.98 -6.28
N ARG A 47 -9.01 7.18 -7.00
CA ARG A 47 -8.96 7.73 -8.35
C ARG A 47 -8.57 9.21 -8.31
N THR A 48 -9.02 9.90 -7.28
CA THR A 48 -8.83 11.34 -7.20
C THR A 48 -7.36 11.84 -7.11
N PRO A 49 -6.51 11.18 -6.32
CA PRO A 49 -5.10 11.58 -6.34
C PRO A 49 -4.43 11.20 -7.64
N LEU A 50 -4.90 10.12 -8.26
CA LEU A 50 -4.42 9.72 -9.56
C LEU A 50 -4.70 10.81 -10.57
N THR A 51 -5.91 11.38 -10.48
CA THR A 51 -6.35 12.48 -11.33
C THR A 51 -5.53 13.75 -11.15
N SER A 52 -5.35 14.14 -9.90
CA SER A 52 -4.48 15.26 -9.56
C SER A 52 -3.06 15.03 -10.11
N LEU A 53 -2.57 13.83 -9.86
CA LEU A 53 -1.29 13.36 -10.37
C LEU A 53 -1.18 13.58 -11.88
N ARG A 54 -2.23 13.14 -12.58
CA ARG A 54 -2.28 13.17 -14.02
C ARG A 54 -2.16 14.61 -14.44
N SER A 55 -2.87 15.49 -13.76
CA SER A 55 -2.85 16.89 -14.15
C SER A 55 -1.46 17.51 -14.00
N TYR A 56 -0.80 17.32 -12.86
CA TYR A 56 0.56 17.89 -12.68
C TYR A 56 1.59 17.29 -13.66
N ILE A 57 1.56 15.97 -13.83
CA ILE A 57 2.49 15.30 -14.73
C ILE A 57 2.34 15.82 -16.13
N GLU A 58 1.09 15.90 -16.55
CA GLU A 58 0.72 16.34 -17.88
C GLU A 58 1.19 17.76 -18.06
N ALA A 59 1.10 18.54 -16.99
CA ALA A 59 1.59 19.93 -16.97
C ALA A 59 3.09 20.00 -17.21
N LEU A 60 3.81 19.11 -16.54
CA LEU A 60 5.27 19.02 -16.60
C LEU A 60 5.74 18.56 -17.97
N SER A 61 5.05 17.58 -18.52
CA SER A 61 5.34 17.08 -19.84
C SER A 61 5.12 18.14 -20.90
N ASP A 62 4.11 18.99 -20.72
CA ASP A 62 3.81 20.09 -21.64
C ASP A 62 4.66 21.32 -21.42
N GLY A 63 5.82 21.13 -20.81
CA GLY A 63 6.83 22.17 -20.75
C GLY A 63 7.29 22.58 -19.38
N ALA A 64 6.42 22.47 -18.38
CA ALA A 64 6.70 23.03 -17.05
C ALA A 64 8.01 22.55 -16.44
N TRP A 65 8.51 21.41 -16.92
CA TRP A 65 9.76 20.82 -16.41
C TRP A 65 11.01 21.64 -16.77
N LYS A 66 10.94 22.35 -17.89
CA LYS A 66 12.06 23.20 -18.30
C LYS A 66 12.10 24.44 -17.42
N ASP A 67 11.05 24.66 -16.63
CA ASP A 67 10.95 25.88 -15.87
C ASP A 67 11.40 25.68 -14.43
N PRO A 68 12.58 26.22 -14.08
CA PRO A 68 13.11 26.02 -12.73
C PRO A 68 12.25 26.65 -11.65
N GLU A 69 11.45 27.65 -11.99
CA GLU A 69 10.62 28.32 -11.00
C GLU A 69 9.39 27.50 -10.59
N VAL A 70 8.97 26.54 -11.42
CA VAL A 70 7.79 25.78 -11.06
C VAL A 70 8.02 24.26 -10.97
N ALA A 71 8.95 23.72 -11.77
CA ALA A 71 9.15 22.26 -11.87
C ALA A 71 9.41 21.55 -10.54
N PRO A 72 10.31 22.10 -9.68
CA PRO A 72 10.47 21.51 -8.35
C PRO A 72 9.19 21.48 -7.54
N GLY A 73 8.46 22.59 -7.51
CA GLY A 73 7.26 22.66 -6.72
C GLY A 73 6.26 21.59 -7.12
N PHE A 74 6.08 21.45 -8.43
CA PHE A 74 5.22 20.41 -8.98
C PHE A 74 5.72 19.01 -8.61
N LEU A 75 7.01 18.77 -8.77
CA LEU A 75 7.55 17.46 -8.44
C LEU A 75 7.32 17.11 -6.98
N LYS A 76 7.34 18.10 -6.09
CA LYS A 76 7.08 17.75 -4.70
C LYS A 76 5.61 17.40 -4.55
N VAL A 77 4.73 18.17 -5.17
CA VAL A 77 3.32 17.86 -5.01
C VAL A 77 3.03 16.44 -5.52
N THR A 78 3.56 16.09 -6.70
CA THR A 78 3.41 14.74 -7.23
C THR A 78 4.05 13.64 -6.37
N GLN A 79 5.22 13.94 -5.79
CA GLN A 79 5.82 13.00 -4.87
C GLN A 79 4.85 12.69 -3.74
N GLU A 80 4.37 13.74 -3.09
CA GLU A 80 3.49 13.60 -1.93
C GLU A 80 2.20 12.88 -2.23
N GLU A 81 1.61 13.17 -3.38
CA GLU A 81 0.36 12.52 -3.73
C GLU A 81 0.59 11.02 -3.92
N THR A 82 1.72 10.69 -4.57
CA THR A 82 2.05 9.29 -4.75
C THR A 82 2.21 8.57 -3.40
N ASP A 83 2.95 9.20 -2.49
CA ASP A 83 3.12 8.62 -1.15
C ASP A 83 1.79 8.40 -0.44
N ARG A 84 0.90 9.36 -0.64
CA ARG A 84 -0.44 9.28 -0.06
C ARG A 84 -1.15 8.01 -0.52
N MET A 85 -1.23 7.82 -1.84
CA MET A 85 -1.90 6.60 -2.30
C MET A 85 -1.22 5.32 -1.85
N ILE A 86 0.10 5.34 -1.73
CA ILE A 86 0.79 4.16 -1.20
C ILE A 86 0.32 3.83 0.24
N ARG A 87 0.29 4.84 1.12
CA ARG A 87 -0.20 4.59 2.47
C ARG A 87 -1.61 4.05 2.42
N MET A 88 -2.42 4.63 1.55
CA MET A 88 -3.79 4.21 1.44
C MET A 88 -3.94 2.76 1.06
N ILE A 89 -3.16 2.29 0.09
CA ILE A 89 -3.31 0.89 -0.28
C ILE A 89 -2.76 0.02 0.84
N ASN A 90 -1.75 0.49 1.58
CA ASN A 90 -1.32 -0.31 2.73
C ASN A 90 -2.45 -0.48 3.73
N GLU A 91 -3.17 0.59 4.01
CA GLU A 91 -4.27 0.53 4.96
C GLU A 91 -5.46 -0.26 4.42
N LEU A 92 -5.69 -0.20 3.11
CA LEU A 92 -6.80 -0.93 2.50
C LEU A 92 -6.48 -2.41 2.42
N LEU A 93 -5.19 -2.69 2.53
CA LEU A 93 -4.74 -4.05 2.53
C LEU A 93 -4.83 -4.62 3.95
N SER A 94 -4.49 -3.83 4.96
CA SER A 94 -4.61 -4.32 6.35
C SER A 94 -6.07 -4.48 6.74
N LEU A 95 -6.89 -3.58 6.20
CA LEU A 95 -8.35 -3.67 6.33
C LEU A 95 -8.95 -4.90 5.64
N SER A 96 -8.54 -5.19 4.39
CA SER A 96 -8.94 -6.46 3.79
C SER A 96 -8.49 -7.64 4.64
N ARG A 97 -7.25 -7.61 5.14
CA ARG A 97 -6.72 -8.70 5.95
C ARG A 97 -7.55 -8.89 7.24
N MET A 98 -8.10 -7.80 7.79
CA MET A 98 -8.85 -7.85 9.06
C MET A 98 -10.29 -8.30 8.90
N ASP A 99 -10.96 -7.80 7.87
CA ASP A 99 -12.27 -8.33 7.51
C ASP A 99 -12.17 -9.83 7.23
N SER A 100 -11.16 -10.22 6.44
CA SER A 100 -10.97 -11.61 6.07
C SER A 100 -10.76 -12.52 7.26
N GLY A 101 -10.06 -12.02 8.28
CA GLY A 101 -9.68 -12.84 9.41
C GLY A 101 -8.28 -13.37 9.20
N THR A 102 -7.76 -13.16 7.99
CA THR A 102 -6.36 -13.43 7.67
C THR A 102 -5.43 -12.78 8.69
N THR A 103 -5.87 -11.63 9.22
CA THR A 103 -5.07 -10.90 10.19
C THR A 103 -4.84 -11.74 11.43
N ARG A 104 -3.63 -12.27 11.54
CA ARG A 104 -3.17 -13.02 12.71
C ARG A 104 -2.87 -12.06 13.85
N VAL A 105 -3.26 -12.43 15.06
CA VAL A 105 -2.88 -11.64 16.20
C VAL A 105 -2.00 -12.47 17.15
N ASP A 106 -1.12 -11.78 17.88
CA ASP A 106 -0.29 -12.41 18.88
C ASP A 106 -0.47 -11.77 20.25
N MET A 107 -1.38 -12.30 21.06
CA MET A 107 -1.62 -11.78 22.40
C MET A 107 -0.45 -12.14 23.27
N GLU A 108 0.18 -11.13 23.88
CA GLU A 108 1.25 -11.37 24.83
C GLU A 108 1.19 -10.41 26.02
N LEU A 109 1.57 -10.89 27.19
CA LEU A 109 1.56 -10.06 28.39
C LEU A 109 2.65 -8.98 28.34
N VAL A 110 2.23 -7.72 28.26
CA VAL A 110 3.19 -6.62 28.18
C VAL A 110 2.84 -5.47 29.13
N ASN A 111 3.83 -4.63 29.42
CA ASN A 111 3.64 -3.49 30.32
C ASN A 111 2.97 -2.30 29.64
N ILE A 112 1.63 -2.19 29.74
CA ILE A 112 0.88 -1.09 29.09
C ILE A 112 1.44 0.30 29.40
N ASN A 113 1.80 0.53 30.66
CA ASN A 113 2.36 1.79 31.12
C ASN A 113 3.55 2.25 30.27
N GLU A 114 4.57 1.42 30.15
CA GLU A 114 5.77 1.86 29.48
C GLU A 114 5.63 1.67 28.00
N MET A 115 4.62 0.94 27.57
CA MET A 115 4.37 0.91 26.15
C MET A 115 3.77 2.22 25.68
N PHE A 116 2.78 2.69 26.45
CA PHE A 116 2.09 3.95 26.19
C PHE A 116 3.08 5.10 26.37
N ASN A 117 3.94 4.99 27.39
CA ASN A 117 5.02 5.95 27.57
C ASN A 117 6.02 6.02 26.45
N TYR A 118 6.34 4.87 25.86
CA TYR A 118 7.29 4.86 24.77
C TYR A 118 6.65 5.54 23.56
N VAL A 119 5.39 5.21 23.30
CA VAL A 119 4.66 5.91 22.23
C VAL A 119 4.71 7.43 22.40
N LEU A 120 4.27 7.89 23.57
CA LEU A 120 4.28 9.32 23.86
C LEU A 120 5.69 9.92 23.71
N ASP A 121 6.72 9.15 24.06
CA ASP A 121 8.11 9.61 23.94
C ASP A 121 8.49 9.88 22.49
N ARG A 122 8.16 8.96 21.60
CA ARG A 122 8.42 9.15 20.18
C ARG A 122 7.76 10.46 19.70
N PHE A 123 6.52 10.69 20.14
CA PHE A 123 5.86 11.94 19.72
C PHE A 123 6.47 13.23 20.29
N ASP A 124 6.87 13.17 21.57
CA ASP A 124 7.56 14.27 22.23
C ASP A 124 8.87 14.62 21.52
N MET A 125 9.52 13.58 21.01
CA MET A 125 10.84 13.77 20.44
C MET A 125 10.79 14.22 18.98
N ILE A 126 9.69 13.95 18.27
CA ILE A 126 9.56 14.51 16.91
C ILE A 126 9.47 16.04 16.97
N LEU A 127 8.70 16.55 17.91
CA LEU A 127 8.51 17.99 18.07
C LEU A 127 9.66 18.61 18.85
N LYS A 128 10.47 17.77 19.52
CA LYS A 128 11.65 18.28 20.23
C LYS A 128 12.77 18.54 19.21
N LYS A 129 12.77 17.80 18.11
CA LYS A 129 13.49 18.23 16.91
C LYS A 129 12.66 19.21 16.10
N ASP A 130 13.18 20.41 15.88
CA ASP A 130 12.38 21.52 15.41
C ASP A 130 11.88 21.33 13.98
N ASN A 132 12.18 23.83 12.11
CA ASN A 132 11.25 24.47 13.04
C ASN A 132 9.79 24.09 12.75
N PRO A 133 9.06 23.66 13.81
CA PRO A 133 7.70 23.12 13.78
C PRO A 133 6.66 24.13 13.32
N ALA A 134 5.68 23.65 12.56
CA ALA A 134 4.59 24.50 12.07
C ALA A 134 3.76 24.94 13.26
N LYS A 135 3.25 23.95 13.98
CA LYS A 135 2.46 24.17 15.18
C LYS A 135 3.03 23.46 16.42
N TYR A 136 2.73 24.03 17.58
CA TYR A 136 3.27 23.57 18.85
C TYR A 136 2.20 22.96 19.77
N TYR A 137 2.50 21.78 20.30
CA TYR A 137 1.59 21.07 21.20
C TYR A 137 2.36 20.47 22.38
N THR A 138 1.75 20.38 23.55
CA THR A 138 2.41 19.66 24.63
C THR A 138 1.58 18.43 24.99
N ILE A 139 2.27 17.33 25.22
CA ILE A 139 1.63 16.08 25.60
C ILE A 139 1.59 15.92 27.10
N LYS A 140 0.42 16.10 27.69
CA LYS A 140 0.30 15.95 29.13
C LYS A 140 -0.05 14.51 29.53
N ARG A 141 0.83 13.86 30.28
CA ARG A 141 0.59 12.47 30.66
C ARG A 141 0.08 12.36 32.08
N GLU A 142 -1.05 11.69 32.26
CA GLU A 142 -1.59 11.44 33.59
C GLU A 142 -1.90 9.95 33.71
N PHE A 143 -0.91 9.18 34.10
CA PHE A 143 -1.09 7.74 34.19
C PHE A 143 -1.37 7.32 35.63
N THR A 144 -2.02 6.16 35.78
CA THR A 144 -2.13 5.50 37.06
C THR A 144 -0.73 5.10 37.42
N LYS A 145 -0.48 4.90 38.71
CA LYS A 145 0.86 4.56 39.19
C LYS A 145 1.05 3.04 39.24
N ARG A 146 -0.04 2.28 39.17
CA ARG A 146 0.05 0.82 39.07
C ARG A 146 0.70 0.41 37.75
N ASP A 147 1.39 -0.73 37.75
CA ASP A 147 2.00 -1.25 36.53
C ASP A 147 1.07 -2.26 35.91
N LEU A 148 0.29 -1.80 34.95
CA LEU A 148 -0.68 -2.66 34.33
C LEU A 148 -0.04 -3.61 33.32
N TRP A 149 -0.03 -4.90 33.65
CA TRP A 149 0.41 -5.90 32.69
C TRP A 149 -0.84 -6.47 32.04
N VAL A 150 -0.84 -6.57 30.71
CA VAL A 150 -2.06 -6.97 30.00
C VAL A 150 -1.66 -7.71 28.74
N GLU A 151 -2.38 -8.79 28.42
CA GLU A 151 -2.15 -9.53 27.18
C GLU A 151 -2.69 -8.80 25.96
N ILE A 152 -1.79 -8.27 25.12
CA ILE A 152 -2.16 -7.69 23.82
C ILE A 152 -1.10 -7.94 22.74
N ASP A 153 -1.45 -7.65 21.49
CA ASP A 153 -0.47 -7.64 20.42
C ASP A 153 0.15 -6.26 20.48
N THR A 154 1.44 -6.16 20.80
CA THR A 154 2.05 -4.86 21.03
C THR A 154 2.09 -4.05 19.74
N ASP A 155 2.35 -4.69 18.61
CA ASP A 155 2.52 -3.92 17.37
C ASP A 155 1.22 -3.34 16.81
N LYS A 156 0.14 -4.12 16.80
CA LYS A 156 -1.13 -3.60 16.28
C LYS A 156 -1.71 -2.53 17.21
N PHE A 157 -1.64 -2.77 18.52
CA PHE A 157 -2.15 -1.80 19.47
C PHE A 157 -1.34 -0.51 19.52
N THR A 158 -0.01 -0.61 19.42
CA THR A 158 0.79 0.61 19.30
C THR A 158 0.44 1.34 17.99
N GLN A 159 0.06 0.60 16.95
CA GLN A 159 -0.38 1.32 15.76
C GLN A 159 -1.66 2.09 16.12
N VAL A 160 -2.59 1.45 16.86
CA VAL A 160 -3.82 2.14 17.26
C VAL A 160 -3.54 3.46 18.02
N LEU A 161 -2.74 3.35 19.07
CA LEU A 161 -2.35 4.51 19.87
C LEU A 161 -1.74 5.59 18.99
N ASP A 162 -0.99 5.16 18.00
CA ASP A 162 -0.40 6.09 17.03
C ASP A 162 -1.41 6.86 16.22
N ASN A 163 -2.37 6.18 15.61
CA ASN A 163 -3.39 6.88 14.85
C ASN A 163 -4.10 7.86 15.72
N ILE A 164 -4.46 7.45 16.95
CA ILE A 164 -5.26 8.35 17.78
C ILE A 164 -4.48 9.54 18.29
N MET A 165 -3.19 9.36 18.57
CA MET A 165 -2.32 10.47 18.91
C MET A 165 -2.10 11.40 17.73
N ASN A 166 -1.90 10.80 16.56
CA ASN A 166 -1.69 11.53 15.34
C ASN A 166 -2.84 12.45 15.15
N ASN A 167 -3.99 11.85 15.34
CA ASN A 167 -5.23 12.51 15.19
C ASN A 167 -5.33 13.64 16.17
N ALA A 168 -5.03 13.32 17.41
CA ALA A 168 -5.12 14.28 18.50
C ALA A 168 -4.28 15.49 18.20
N ILE A 169 -3.17 15.26 17.51
CA ILE A 169 -2.20 16.30 17.23
C ILE A 169 -2.63 17.14 16.05
N LYS A 170 -3.09 16.48 15.00
CA LYS A 170 -3.43 17.12 13.72
C LYS A 170 -4.59 18.12 13.88
N TYR A 171 -5.60 17.75 14.64
CA TYR A 171 -6.75 18.61 14.89
C TYR A 171 -6.55 19.49 16.11
N SER A 172 -5.31 19.74 16.51
CA SER A 172 -5.09 20.58 17.66
C SER A 172 -4.77 22.00 17.27
N PRO A 173 -5.11 22.94 18.14
CA PRO A 173 -4.69 24.32 17.90
C PRO A 173 -3.23 24.47 18.26
N ASP A 174 -2.69 25.68 18.10
CA ASP A 174 -1.33 25.96 18.51
C ASP A 174 -1.34 26.20 20.02
N GLY A 175 -0.38 25.63 20.71
CA GLY A 175 -0.36 25.70 22.16
C GLY A 175 -1.30 24.69 22.77
N GLY A 176 -1.99 23.92 21.94
CA GLY A 176 -2.92 22.93 22.43
C GLY A 176 -2.25 21.95 23.37
N VAL A 177 -3.04 21.25 24.17
CA VAL A 177 -2.47 20.28 25.10
C VAL A 177 -3.14 18.94 24.95
N VAL A 178 -2.38 17.98 24.43
CA VAL A 178 -2.93 16.65 24.30
C VAL A 178 -2.81 15.95 25.64
N THR A 179 -3.96 15.58 26.19
CA THR A 179 -4.02 15.05 27.53
C THR A 179 -4.23 13.54 27.47
N CYS A 180 -3.20 12.80 27.86
CA CYS A 180 -3.21 11.35 27.74
C CYS A 180 -3.30 10.68 29.11
N ARG A 181 -4.30 9.83 29.24
CA ARG A 181 -4.61 9.18 30.50
C ARG A 181 -4.62 7.68 30.38
N LEU A 182 -3.93 7.03 31.31
CA LEU A 182 -3.97 5.58 31.48
C LEU A 182 -4.52 5.32 32.87
N LEU A 183 -5.71 4.73 32.95
CA LEU A 183 -6.37 4.51 34.23
C LEU A 183 -7.05 3.16 34.27
N GLU A 184 -7.70 2.85 35.38
CA GLU A 184 -8.20 1.49 35.60
C GLU A 184 -9.43 1.47 36.48
N THR A 185 -10.24 0.44 36.31
CA THR A 185 -11.43 0.26 37.12
C THR A 185 -11.43 -1.23 37.36
N HIS A 186 -12.11 -1.69 38.42
CA HIS A 186 -12.18 -3.12 38.73
C HIS A 186 -12.21 -3.94 37.47
N ASN A 187 -13.22 -3.62 36.65
CA ASN A 187 -13.46 -4.36 35.42
C ASN A 187 -12.63 -3.97 34.17
N GLN A 188 -12.11 -2.73 34.10
CA GLN A 188 -11.48 -2.21 32.86
C GLN A 188 -10.09 -1.56 32.93
N VAL A 189 -9.40 -1.48 31.78
CA VAL A 189 -8.23 -0.61 31.65
C VAL A 189 -8.45 0.41 30.54
N ILE A 190 -8.45 1.68 30.92
CA ILE A 190 -8.87 2.80 30.07
C ILE A 190 -7.73 3.70 29.59
N ILE A 191 -7.65 3.93 28.29
CA ILE A 191 -6.75 4.94 27.76
C ILE A 191 -7.59 6.08 27.15
N SER A 192 -7.29 7.33 27.50
CA SER A 192 -8.00 8.44 26.89
C SER A 192 -7.00 9.37 26.26
N ILE A 193 -7.36 9.90 25.09
CA ILE A 193 -6.52 10.90 24.43
C ILE A 193 -7.39 12.10 24.10
N SER A 194 -7.08 13.20 24.78
CA SER A 194 -7.91 14.37 24.75
C SER A 194 -7.22 15.46 23.97
N ASP A 195 -7.98 16.11 23.09
CA ASP A 195 -7.49 17.24 22.31
C ASP A 195 -8.43 18.41 22.49
N GLN A 196 -7.88 19.61 22.26
CA GLN A 196 -8.66 20.83 22.41
C GLN A 196 -9.03 21.35 21.03
N GLY A 197 -9.36 20.44 20.11
CA GLY A 197 -9.63 20.84 18.75
C GLY A 197 -11.03 21.42 18.67
N LEU A 198 -11.63 21.43 17.49
CA LEU A 198 -12.95 22.02 17.36
C LEU A 198 -14.06 21.02 17.58
N GLY A 199 -13.71 19.79 17.93
CA GLY A 199 -14.69 18.75 18.25
C GLY A 199 -15.45 18.15 17.07
N ILE A 200 -16.50 17.41 17.37
CA ILE A 200 -17.26 16.68 16.35
C ILE A 200 -18.75 16.91 16.47
N PRO A 201 -19.41 17.30 15.36
CA PRO A 201 -20.86 17.49 15.40
C PRO A 201 -21.54 16.23 15.87
N ARG A 202 -22.56 16.36 16.73
CA ARG A 202 -23.13 15.18 17.41
C ARG A 202 -23.83 14.27 16.42
N ALA A 203 -24.09 14.79 15.22
CA ALA A 203 -24.66 13.96 14.18
C ALA A 203 -23.64 12.89 13.86
N ASP A 204 -22.38 13.30 13.83
CA ASP A 204 -21.32 12.53 13.23
C ASP A 204 -20.56 11.66 14.16
N LEU A 205 -20.83 11.77 15.46
CA LEU A 205 -20.10 10.97 16.43
C LEU A 205 -20.14 9.49 16.09
N GLY A 206 -21.21 9.04 15.43
CA GLY A 206 -21.28 7.64 15.10
C GLY A 206 -20.31 7.40 13.97
N HIS A 207 -20.30 8.33 13.04
CA HIS A 207 -19.62 8.14 11.77
C HIS A 207 -18.08 8.35 11.80
N VAL A 208 -17.54 8.92 12.87
CA VAL A 208 -16.10 9.23 12.89
C VAL A 208 -15.17 8.01 12.76
N PHE A 209 -15.68 6.81 12.98
CA PHE A 209 -14.86 5.60 12.88
C PHE A 209 -15.09 4.84 11.60
N ASP A 210 -15.96 5.37 10.76
CA ASP A 210 -16.26 4.74 9.48
C ASP A 210 -15.10 4.96 8.48
N ARG A 211 -15.05 4.11 7.47
CA ARG A 211 -13.98 4.19 6.48
C ARG A 211 -14.11 5.42 5.58
N PHE A 212 -12.96 6.05 5.37
CA PHE A 212 -12.81 7.25 4.55
C PHE A 212 -13.54 8.45 5.12
N PHE A 213 -14.22 8.29 6.24
CA PHE A 213 -14.94 9.41 6.84
C PHE A 213 -13.95 10.44 7.39
N ARG A 214 -14.04 11.64 6.85
CA ARG A 214 -13.22 12.79 7.25
C ARG A 214 -14.21 13.85 7.65
N VAL A 215 -13.85 14.73 8.59
CA VAL A 215 -14.81 15.76 9.03
C VAL A 215 -15.00 16.87 7.96
N ASP A 216 -13.89 17.31 7.35
CA ASP A 216 -13.88 18.47 6.43
C ASP A 216 -12.76 18.45 5.36
N LYS A 217 -11.50 18.47 5.82
CA LYS A 217 -10.26 18.41 5.02
C LYS A 217 -10.39 18.60 3.49
N GLN A 223 -4.34 17.74 1.53
CA GLN A 223 -3.94 16.36 1.81
C GLN A 223 -3.72 16.14 3.30
N GLY A 224 -2.80 15.23 3.61
CA GLY A 224 -2.40 15.03 4.98
C GLY A 224 -2.58 13.59 5.42
N GLY A 225 -3.46 12.87 4.73
CA GLY A 225 -3.66 11.48 5.08
C GLY A 225 -4.98 10.92 4.61
N THR A 226 -5.10 9.59 4.74
CA THR A 226 -6.27 8.82 4.34
C THR A 226 -7.33 8.81 5.42
N GLY A 227 -8.59 8.70 5.01
CA GLY A 227 -9.68 8.68 5.97
C GLY A 227 -9.85 7.31 6.61
N LEU A 228 -8.77 6.55 6.71
CA LEU A 228 -8.80 5.18 7.23
C LEU A 228 -8.09 5.00 8.57
N GLY A 229 -7.52 6.08 9.10
CA GLY A 229 -6.82 6.03 10.38
C GLY A 229 -7.63 5.44 11.52
N LEU A 230 -8.77 6.07 11.77
CA LEU A 230 -9.62 5.71 12.88
C LEU A 230 -10.35 4.41 12.62
N ALA A 231 -10.55 4.09 11.34
CA ALA A 231 -11.29 2.89 10.97
C ALA A 231 -10.45 1.69 11.27
N ILE A 232 -9.18 1.76 10.86
CA ILE A 232 -8.23 0.74 11.26
C ILE A 232 -8.19 0.66 12.77
N SER A 233 -8.06 1.81 13.44
CA SER A 233 -7.99 1.79 14.91
C SER A 233 -9.14 1.02 15.57
N LYS A 234 -10.37 1.27 15.14
CA LYS A 234 -11.51 0.62 15.77
C LYS A 234 -11.45 -0.85 15.46
N GLU A 235 -11.14 -1.18 14.21
CA GLU A 235 -11.08 -2.58 13.80
C GLU A 235 -10.09 -3.39 14.64
N VAL A 236 -8.89 -2.85 14.78
CA VAL A 236 -7.81 -3.50 15.52
C VAL A 236 -8.20 -3.66 16.99
N VAL A 237 -8.73 -2.58 17.56
CA VAL A 237 -9.11 -2.64 18.96
C VAL A 237 -10.16 -3.70 19.18
N GLN A 238 -11.15 -3.82 18.30
CA GLN A 238 -12.16 -4.86 18.54
C GLN A 238 -11.56 -6.23 18.37
N MET A 239 -10.61 -6.36 17.44
CA MET A 239 -9.87 -7.60 17.24
C MET A 239 -9.08 -8.03 18.48
N LEU A 240 -8.62 -7.05 19.25
CA LEU A 240 -7.88 -7.33 20.47
C LEU A 240 -8.81 -7.47 21.69
N GLY A 241 -10.11 -7.49 21.42
CA GLY A 241 -11.11 -7.73 22.45
C GLY A 241 -11.56 -6.55 23.30
N GLY A 242 -11.12 -5.37 22.90
CA GLY A 242 -11.47 -4.17 23.64
C GLY A 242 -12.53 -3.43 22.87
N ARG A 243 -12.89 -2.24 23.34
CA ARG A 243 -13.90 -1.46 22.62
C ARG A 243 -13.46 0.00 22.59
N ILE A 244 -13.74 0.69 21.49
CA ILE A 244 -13.24 2.05 21.30
C ILE A 244 -14.32 3.05 20.92
N TRP A 245 -14.29 4.24 21.54
CA TRP A 245 -15.31 5.24 21.26
C TRP A 245 -14.84 6.66 21.48
N VAL A 246 -15.70 7.62 21.13
CA VAL A 246 -15.30 9.02 21.18
C VAL A 246 -16.34 9.88 21.90
N ASP A 247 -15.90 10.74 22.79
CA ASP A 247 -16.82 11.71 23.32
C ASP A 247 -16.29 13.05 22.90
N SER A 248 -17.17 14.01 22.66
CA SER A 248 -16.72 15.25 22.10
C SER A 248 -17.71 16.39 22.18
N VAL A 249 -17.19 17.58 22.41
CA VAL A 249 -18.04 18.76 22.45
C VAL A 249 -17.55 19.85 21.49
N GLU A 250 -18.39 20.15 20.49
CA GLU A 250 -18.12 21.17 19.48
C GLU A 250 -17.61 22.45 20.10
N GLY A 251 -16.47 22.90 19.60
CA GLY A 251 -15.84 24.11 20.06
C GLY A 251 -14.97 23.91 21.28
N LYS A 252 -15.20 22.84 22.04
CA LYS A 252 -14.33 22.55 23.17
C LYS A 252 -13.22 21.65 22.68
N GLY A 253 -13.58 20.43 22.26
CA GLY A 253 -12.61 19.47 21.73
C GLY A 253 -13.11 18.03 21.74
N SER A 254 -12.18 17.08 21.95
CA SER A 254 -12.53 15.65 21.94
C SER A 254 -11.75 14.77 22.91
N THR A 255 -12.27 13.58 23.13
CA THR A 255 -11.62 12.59 23.98
C THR A 255 -11.89 11.21 23.42
N PHE A 256 -10.82 10.52 23.08
CA PHE A 256 -10.95 9.19 22.56
C PHE A 256 -10.67 8.22 23.65
N TYR A 257 -11.54 7.23 23.75
CA TYR A 257 -11.44 6.23 24.79
C TYR A 257 -11.22 4.84 24.21
N ILE A 258 -10.28 4.12 24.83
CA ILE A 258 -10.06 2.69 24.60
C ILE A 258 -10.22 1.93 25.89
N SER A 259 -11.07 0.90 25.85
CA SER A 259 -11.34 0.04 27.00
C SER A 259 -10.81 -1.35 26.74
N LEU A 260 -10.02 -1.88 27.68
CA LEU A 260 -9.49 -3.24 27.59
C LEU A 260 -9.85 -4.09 28.81
N PRO A 261 -10.21 -5.36 28.59
CA PRO A 261 -10.55 -6.17 29.77
C PRO A 261 -9.35 -6.33 30.72
N TYR A 262 -9.60 -6.17 32.03
CA TYR A 262 -8.51 -6.25 33.00
C TYR A 262 -8.65 -7.43 33.96
N GLU A 263 -7.75 -8.40 33.85
CA GLU A 263 -7.81 -9.63 34.66
C GLU A 263 -9.18 -10.32 34.62
N GLN B 37 -12.84 -8.06 0.07
CA GLN B 37 -13.56 -7.87 -1.17
C GLN B 37 -12.61 -8.02 -2.37
N PHE B 38 -13.15 -7.77 -3.56
CA PHE B 38 -12.39 -7.63 -4.79
C PHE B 38 -11.54 -6.35 -4.69
N VAL B 39 -11.89 -5.49 -3.73
CA VAL B 39 -11.06 -4.35 -3.30
C VAL B 39 -9.62 -4.76 -2.96
N SER B 40 -9.48 -5.93 -2.33
CA SER B 40 -8.18 -6.48 -1.95
C SER B 40 -7.29 -6.68 -3.19
N ASN B 41 -7.93 -7.02 -4.30
CA ASN B 41 -7.22 -7.20 -5.55
C ASN B 41 -6.67 -5.91 -6.13
N VAL B 42 -7.46 -4.84 -6.13
CA VAL B 42 -6.93 -3.59 -6.67
C VAL B 42 -5.87 -3.07 -5.72
N SER B 43 -6.15 -3.18 -4.42
CA SER B 43 -5.19 -2.89 -3.40
C SER B 43 -3.85 -3.52 -3.77
N HIS B 44 -3.86 -4.82 -4.06
CA HIS B 44 -2.63 -5.53 -4.38
C HIS B 44 -2.02 -5.03 -5.70
N GLU B 45 -2.80 -4.96 -6.79
CA GLU B 45 -2.20 -4.68 -8.08
C GLU B 45 -1.71 -3.25 -8.31
N LEU B 46 -2.24 -2.29 -7.57
CA LEU B 46 -1.72 -0.93 -7.66
C LEU B 46 -0.33 -0.81 -7.10
N ARG B 47 0.11 -1.82 -6.36
CA ARG B 47 1.33 -1.73 -5.58
C ARG B 47 2.56 -1.51 -6.43
N THR B 48 2.74 -2.37 -7.41
CA THR B 48 3.95 -2.28 -8.21
C THR B 48 3.94 -1.02 -9.13
N PRO B 49 2.79 -0.66 -9.74
CA PRO B 49 2.85 0.60 -10.48
C PRO B 49 3.00 1.85 -9.61
N LEU B 50 2.45 1.84 -8.40
CA LEU B 50 2.70 2.95 -7.48
C LEU B 50 4.16 3.10 -7.22
N THR B 51 4.83 1.96 -7.06
CA THR B 51 6.27 1.92 -6.87
C THR B 51 7.05 2.46 -8.04
N SER B 52 6.66 2.03 -9.23
CA SER B 52 7.30 2.50 -10.44
C SER B 52 7.24 4.02 -10.41
N LEU B 53 6.03 4.58 -10.22
CA LEU B 53 5.86 6.03 -10.10
C LEU B 53 6.70 6.72 -9.06
N ARG B 54 6.62 6.26 -7.83
CA ARG B 54 7.27 6.97 -6.75
C ARG B 54 8.75 6.97 -7.09
N SER B 55 9.22 5.85 -7.63
CA SER B 55 10.63 5.69 -7.95
C SER B 55 11.07 6.71 -9.02
N TYR B 56 10.33 6.81 -10.13
CA TYR B 56 10.63 7.78 -11.20
C TYR B 56 10.56 9.25 -10.78
N ILE B 57 9.52 9.58 -10.01
CA ILE B 57 9.35 10.94 -9.52
C ILE B 57 10.56 11.28 -8.66
N GLU B 58 10.95 10.35 -7.79
CA GLU B 58 12.09 10.59 -6.92
C GLU B 58 13.35 10.79 -7.77
N ALA B 59 13.47 10.06 -8.88
CA ALA B 59 14.60 10.28 -9.78
C ALA B 59 14.60 11.67 -10.41
N LEU B 60 13.43 12.13 -10.87
CA LEU B 60 13.35 13.45 -11.49
C LEU B 60 13.63 14.57 -10.50
N SER B 61 13.06 14.43 -9.31
CA SER B 61 13.23 15.37 -8.22
C SER B 61 14.68 15.44 -7.74
N ASP B 62 15.36 14.28 -7.78
CA ASP B 62 16.74 14.19 -7.37
C ASP B 62 17.67 14.71 -8.48
N GLY B 63 17.13 15.50 -9.39
CA GLY B 63 17.98 16.22 -10.33
C GLY B 63 17.69 15.96 -11.79
N ALA B 64 17.14 14.78 -12.10
CA ALA B 64 16.90 14.34 -13.48
C ALA B 64 16.04 15.30 -14.30
N TRP B 65 15.31 16.18 -13.61
CA TRP B 65 14.45 17.18 -14.24
C TRP B 65 15.25 18.22 -14.97
N LYS B 66 16.45 18.47 -14.46
CA LYS B 66 17.35 19.45 -15.05
C LYS B 66 18.02 18.88 -16.31
N ASP B 67 17.87 17.58 -16.52
CA ASP B 67 18.55 16.92 -17.64
C ASP B 67 17.62 16.76 -18.82
N PRO B 68 17.83 17.55 -19.88
CA PRO B 68 16.97 17.51 -21.07
C PRO B 68 17.06 16.18 -21.81
N GLU B 69 18.13 15.44 -21.57
CA GLU B 69 18.34 14.19 -22.31
C GLU B 69 17.37 13.11 -21.84
N VAL B 70 16.94 13.14 -20.57
CA VAL B 70 16.10 12.08 -20.00
C VAL B 70 14.75 12.51 -19.42
N ALA B 71 14.66 13.71 -18.87
CA ALA B 71 13.47 14.14 -18.15
C ALA B 71 12.17 13.94 -18.94
N PRO B 72 12.16 14.29 -20.23
CA PRO B 72 10.92 13.99 -20.96
C PRO B 72 10.51 12.51 -20.93
N GLY B 73 11.45 11.61 -21.22
CA GLY B 73 11.17 10.18 -21.30
C GLY B 73 10.60 9.63 -20.02
N PHE B 74 11.17 10.10 -18.91
CA PHE B 74 10.68 9.75 -17.59
C PHE B 74 9.25 10.24 -17.47
N LEU B 75 9.01 11.49 -17.85
CA LEU B 75 7.66 12.05 -17.78
C LEU B 75 6.64 11.26 -18.60
N LYS B 76 7.08 10.70 -19.71
CA LYS B 76 6.20 9.91 -20.55
C LYS B 76 5.88 8.65 -19.77
N VAL B 77 6.88 8.07 -19.13
CA VAL B 77 6.60 6.88 -18.35
C VAL B 77 5.66 7.14 -17.15
N THR B 78 5.92 8.18 -16.38
CA THR B 78 5.08 8.50 -15.22
C THR B 78 3.68 8.76 -15.70
N GLN B 79 3.56 9.43 -16.84
CA GLN B 79 2.27 9.61 -17.46
C GLN B 79 1.59 8.28 -17.74
N GLU B 80 2.29 7.41 -18.46
CA GLU B 80 1.74 6.14 -18.90
C GLU B 80 1.31 5.28 -17.75
N GLU B 81 2.10 5.28 -16.70
CA GLU B 81 1.82 4.50 -15.49
C GLU B 81 0.61 5.06 -14.75
N THR B 82 0.52 6.39 -14.61
CA THR B 82 -0.63 6.99 -13.96
C THR B 82 -1.89 6.61 -14.68
N ASP B 83 -1.86 6.78 -16.00
CA ASP B 83 -3.00 6.44 -16.84
C ASP B 83 -3.35 4.96 -16.68
N ARG B 84 -2.32 4.11 -16.58
CA ARG B 84 -2.53 2.67 -16.38
C ARG B 84 -3.34 2.41 -15.13
N MET B 85 -2.91 3.02 -14.03
CA MET B 85 -3.54 2.87 -12.73
C MET B 85 -4.98 3.37 -12.73
N ILE B 86 -5.21 4.46 -13.45
CA ILE B 86 -6.57 4.94 -13.61
C ILE B 86 -7.42 3.88 -14.33
N ARG B 87 -6.95 3.36 -15.46
CA ARG B 87 -7.67 2.32 -16.19
C ARG B 87 -7.96 1.10 -15.30
N MET B 88 -6.97 0.77 -14.49
CA MET B 88 -7.06 -0.35 -13.60
C MET B 88 -8.22 -0.14 -12.64
N ILE B 89 -8.25 1.04 -12.03
CA ILE B 89 -9.26 1.30 -11.01
C ILE B 89 -10.63 1.30 -11.64
N ASN B 90 -10.74 1.94 -12.81
CA ASN B 90 -12.04 1.99 -13.47
C ASN B 90 -12.56 0.62 -13.87
N GLU B 91 -11.71 -0.27 -14.39
CA GLU B 91 -12.25 -1.55 -14.84
C GLU B 91 -12.66 -2.36 -13.62
N LEU B 92 -11.90 -2.23 -12.54
CA LEU B 92 -12.22 -2.99 -11.33
C LEU B 92 -13.34 -2.37 -10.43
N LEU B 93 -13.77 -1.13 -10.68
CA LEU B 93 -14.91 -0.62 -9.91
C LEU B 93 -16.18 -1.13 -10.57
N SER B 94 -16.26 -0.98 -11.89
CA SER B 94 -17.40 -1.50 -12.66
C SER B 94 -17.25 -3.01 -12.83
N ARG B 104 -14.15 -9.07 -18.56
CA ARG B 104 -13.80 -8.46 -19.84
C ARG B 104 -12.29 -8.55 -20.09
N VAL B 105 -11.92 -8.88 -21.33
CA VAL B 105 -10.54 -8.78 -21.78
C VAL B 105 -10.51 -7.86 -22.99
N ASP B 106 -9.38 -7.21 -23.26
CA ASP B 106 -9.27 -6.42 -24.49
C ASP B 106 -8.08 -6.85 -25.35
N MET B 107 -8.30 -7.86 -26.19
CA MET B 107 -7.24 -8.44 -27.02
C MET B 107 -6.81 -7.54 -28.17
N GLU B 108 -5.50 -7.28 -28.20
CA GLU B 108 -4.89 -6.58 -29.32
C GLU B 108 -3.49 -7.16 -29.58
N LEU B 109 -3.10 -7.15 -30.85
CA LEU B 109 -1.80 -7.64 -31.30
C LEU B 109 -0.66 -6.69 -30.88
N VAL B 110 0.29 -7.17 -30.07
CA VAL B 110 1.40 -6.31 -29.67
C VAL B 110 2.78 -6.96 -29.87
N ASN B 111 3.78 -6.10 -30.00
CA ASN B 111 5.17 -6.52 -30.14
C ASN B 111 5.69 -6.85 -28.77
N ILE B 112 5.64 -8.13 -28.41
CA ILE B 112 6.06 -8.62 -27.09
C ILE B 112 7.48 -8.19 -26.72
N ASN B 113 8.40 -8.19 -27.69
CA ASN B 113 9.79 -7.86 -27.39
C ASN B 113 9.99 -6.59 -26.57
N GLU B 114 9.64 -5.44 -27.13
CA GLU B 114 9.98 -4.26 -26.38
C GLU B 114 8.89 -3.84 -25.39
N MET B 115 7.77 -4.57 -25.34
CA MET B 115 6.86 -4.41 -24.20
C MET B 115 7.53 -4.97 -22.96
N PHE B 116 8.15 -6.14 -23.14
CA PHE B 116 8.90 -6.81 -22.07
C PHE B 116 10.11 -5.93 -21.73
N ASN B 117 10.75 -5.37 -22.75
CA ASN B 117 11.84 -4.43 -22.49
C ASN B 117 11.39 -3.22 -21.66
N TYR B 118 10.18 -2.71 -21.92
CA TYR B 118 9.64 -1.55 -21.23
C TYR B 118 9.37 -1.85 -19.74
N VAL B 119 8.70 -2.98 -19.50
CA VAL B 119 8.46 -3.41 -18.14
C VAL B 119 9.81 -3.53 -17.39
N LEU B 120 10.73 -4.28 -18.01
CA LEU B 120 12.06 -4.46 -17.43
C LEU B 120 12.74 -3.10 -17.15
N ASP B 121 12.50 -2.10 -18.01
CA ASP B 121 13.06 -0.76 -17.82
C ASP B 121 12.54 -0.12 -16.55
N ARG B 122 11.22 -0.17 -16.39
CA ARG B 122 10.62 0.35 -15.17
C ARG B 122 11.23 -0.31 -13.91
N PHE B 123 11.45 -1.63 -13.95
CA PHE B 123 12.10 -2.31 -12.81
C PHE B 123 13.58 -1.96 -12.62
N ASP B 124 14.30 -1.75 -13.73
CA ASP B 124 15.68 -1.28 -13.71
C ASP B 124 15.74 0.04 -12.95
N MET B 125 14.70 0.85 -13.13
CA MET B 125 14.66 2.15 -12.47
C MET B 125 14.15 2.01 -11.04
N ILE B 126 13.38 0.96 -10.76
CA ILE B 126 12.97 0.65 -9.39
C ILE B 126 14.16 0.22 -8.53
N LEU B 127 15.05 -0.56 -9.14
CA LEU B 127 16.19 -1.13 -8.44
C LEU B 127 17.29 -0.09 -8.26
N LYS B 128 17.27 0.94 -9.10
CA LYS B 128 18.11 2.08 -8.88
C LYS B 128 17.22 2.89 -7.99
N LYS B 129 17.79 3.84 -7.27
CA LYS B 129 16.99 4.94 -6.71
C LYS B 129 15.83 4.49 -5.79
N ASP B 130 16.12 3.89 -4.63
CA ASP B 130 17.40 3.26 -4.30
C ASP B 130 17.34 1.76 -4.61
N LYS B 135 21.33 -4.67 -1.16
CA LYS B 135 21.74 -5.75 -2.06
C LYS B 135 21.56 -5.32 -3.49
N TYR B 136 22.34 -5.92 -4.38
CA TYR B 136 22.43 -5.46 -5.75
C TYR B 136 21.75 -6.41 -6.68
N TYR B 137 20.95 -5.88 -7.58
CA TYR B 137 20.28 -6.76 -8.50
C TYR B 137 20.55 -6.31 -9.91
N THR B 138 20.77 -7.29 -10.76
CA THR B 138 20.95 -7.06 -12.16
C THR B 138 19.82 -7.70 -12.93
N ILE B 139 19.25 -6.97 -13.87
CA ILE B 139 18.28 -7.56 -14.77
C ILE B 139 19.03 -7.88 -16.06
N LYS B 140 19.36 -9.15 -16.22
CA LYS B 140 20.12 -9.61 -17.38
C LYS B 140 19.15 -10.00 -18.47
N ARG B 141 19.15 -9.29 -19.59
CA ARG B 141 18.12 -9.53 -20.61
C ARG B 141 18.65 -10.30 -21.80
N GLU B 142 17.97 -11.39 -22.12
CA GLU B 142 18.36 -12.17 -23.28
C GLU B 142 17.16 -12.48 -24.15
N PHE B 143 16.86 -11.55 -25.05
CA PHE B 143 15.73 -11.70 -25.94
C PHE B 143 16.20 -12.15 -27.31
N THR B 144 15.32 -12.82 -28.03
CA THR B 144 15.59 -13.04 -29.43
C THR B 144 15.62 -11.67 -30.13
N LYS B 145 16.27 -11.61 -31.30
CA LYS B 145 16.43 -10.33 -31.97
C LYS B 145 15.22 -10.11 -32.88
N ARG B 146 14.50 -11.21 -33.14
CA ARG B 146 13.24 -11.12 -33.86
C ARG B 146 12.19 -10.39 -33.06
N ASP B 147 11.26 -9.75 -33.76
CA ASP B 147 10.15 -9.10 -33.11
C ASP B 147 8.92 -10.00 -33.14
N LEU B 148 8.71 -10.73 -32.05
CA LEU B 148 7.55 -11.60 -31.87
C LEU B 148 6.29 -10.83 -31.49
N TRP B 149 5.30 -10.83 -32.38
CA TRP B 149 4.00 -10.22 -32.13
C TRP B 149 3.00 -11.28 -31.66
N VAL B 150 2.15 -10.91 -30.70
CA VAL B 150 1.23 -11.83 -30.06
C VAL B 150 -0.04 -11.11 -29.65
N GLU B 151 -1.19 -11.78 -29.77
CA GLU B 151 -2.49 -11.24 -29.32
C GLU B 151 -2.63 -11.28 -27.79
N ILE B 152 -2.61 -10.12 -27.12
CA ILE B 152 -2.82 -10.06 -25.66
C ILE B 152 -3.58 -8.81 -25.16
N ASP B 153 -4.03 -8.84 -23.91
CA ASP B 153 -4.52 -7.64 -23.22
C ASP B 153 -3.30 -6.99 -22.57
N THR B 154 -2.95 -5.79 -23.00
CA THR B 154 -1.69 -5.18 -22.57
C THR B 154 -1.62 -4.87 -21.10
N ASP B 155 -2.71 -4.35 -20.55
CA ASP B 155 -2.68 -3.93 -19.15
C ASP B 155 -2.67 -5.16 -18.24
N LYS B 156 -3.44 -6.18 -18.62
CA LYS B 156 -3.50 -7.40 -17.82
C LYS B 156 -2.15 -8.10 -17.86
N PHE B 157 -1.60 -8.22 -19.05
CA PHE B 157 -0.35 -8.94 -19.14
C PHE B 157 0.81 -8.17 -18.49
N THR B 158 0.82 -6.84 -18.62
CA THR B 158 1.84 -6.07 -17.92
C THR B 158 1.72 -6.28 -16.42
N GLN B 159 0.49 -6.50 -15.93
CA GLN B 159 0.31 -6.82 -14.50
C GLN B 159 1.02 -8.16 -14.14
N VAL B 160 0.89 -9.16 -15.03
CA VAL B 160 1.56 -10.47 -14.84
C VAL B 160 3.06 -10.38 -14.68
N LEU B 161 3.66 -9.73 -15.66
CA LEU B 161 5.10 -9.51 -15.60
C LEU B 161 5.47 -8.75 -14.31
N ASP B 162 4.64 -7.79 -13.92
CA ASP B 162 4.90 -7.03 -12.68
C ASP B 162 4.97 -7.93 -11.46
N ASN B 163 3.95 -8.79 -11.31
CA ASN B 163 3.99 -9.72 -10.19
C ASN B 163 5.21 -10.63 -10.26
N ILE B 164 5.54 -11.18 -11.43
CA ILE B 164 6.63 -12.16 -11.44
C ILE B 164 8.04 -11.53 -11.25
N MET B 165 8.25 -10.29 -11.71
CA MET B 165 9.48 -9.56 -11.38
C MET B 165 9.51 -9.20 -9.89
N ASN B 166 8.36 -8.82 -9.33
CA ASN B 166 8.28 -8.61 -7.88
C ASN B 166 8.71 -9.83 -7.12
N ASN B 167 8.21 -10.99 -7.52
CA ASN B 167 8.57 -12.21 -6.87
C ASN B 167 10.06 -12.50 -7.02
N ALA B 168 10.54 -12.46 -8.25
CA ALA B 168 11.93 -12.75 -8.49
C ALA B 168 12.81 -11.82 -7.64
N ILE B 169 12.38 -10.58 -7.43
CA ILE B 169 13.22 -9.64 -6.68
C ILE B 169 13.08 -9.73 -5.16
N LYS B 170 11.83 -9.79 -4.72
CA LYS B 170 11.48 -9.73 -3.31
C LYS B 170 11.97 -10.95 -2.53
N TYR B 171 11.84 -12.13 -3.13
CA TYR B 171 12.29 -13.37 -2.48
C TYR B 171 13.75 -13.69 -2.82
N SER B 172 14.41 -12.67 -3.35
CA SER B 172 15.84 -12.66 -3.57
C SER B 172 16.50 -11.60 -2.71
N PRO B 173 16.53 -11.79 -1.38
CA PRO B 173 17.41 -10.85 -0.70
C PRO B 173 18.85 -11.30 -0.92
N ASP B 174 19.80 -10.64 -0.28
CA ASP B 174 21.20 -11.06 -0.36
C ASP B 174 21.72 -10.97 -1.80
N GLY B 175 21.21 -10.00 -2.56
CA GLY B 175 21.60 -9.83 -3.96
C GLY B 175 20.97 -10.76 -4.97
N GLY B 176 21.48 -10.73 -6.19
CA GLY B 176 20.94 -11.60 -7.21
C GLY B 176 21.03 -11.06 -8.62
N VAL B 177 20.82 -11.95 -9.59
CA VAL B 177 20.74 -11.54 -10.98
C VAL B 177 19.47 -12.12 -11.59
N VAL B 178 18.47 -11.26 -11.81
CA VAL B 178 17.23 -11.71 -12.42
C VAL B 178 17.36 -11.73 -13.94
N THR B 179 17.25 -12.94 -14.48
CA THR B 179 17.58 -13.22 -15.86
C THR B 179 16.32 -13.41 -16.74
N CYS B 180 16.11 -12.50 -17.69
CA CYS B 180 14.88 -12.54 -18.46
C CYS B 180 15.05 -12.96 -19.92
N ARG B 181 14.37 -14.03 -20.32
CA ARG B 181 14.53 -14.59 -21.65
C ARG B 181 13.21 -14.56 -22.38
N LEU B 182 13.23 -14.04 -23.61
CA LEU B 182 12.10 -14.08 -24.52
C LEU B 182 12.48 -14.83 -25.81
N LEU B 183 11.84 -15.97 -26.04
CA LEU B 183 12.11 -16.79 -27.24
C LEU B 183 10.85 -17.43 -27.81
N GLU B 184 10.99 -18.25 -28.85
CA GLU B 184 9.82 -18.94 -29.39
C GLU B 184 10.14 -20.30 -30.02
N THR B 185 9.23 -21.24 -29.81
CA THR B 185 9.32 -22.54 -30.43
C THR B 185 7.93 -23.05 -30.63
N HIS B 186 7.73 -23.88 -31.62
CA HIS B 186 6.46 -24.58 -31.73
C HIS B 186 5.22 -23.70 -31.71
N ASN B 187 5.25 -22.62 -32.47
CA ASN B 187 4.16 -21.66 -32.48
C ASN B 187 3.78 -21.17 -31.08
N GLN B 188 4.75 -21.21 -30.16
CA GLN B 188 4.58 -20.71 -28.81
C GLN B 188 5.68 -19.69 -28.50
N VAL B 189 5.34 -18.74 -27.66
CA VAL B 189 6.22 -17.69 -27.25
C VAL B 189 6.47 -17.86 -25.78
N ILE B 190 7.73 -18.06 -25.44
CA ILE B 190 8.13 -18.40 -24.08
C ILE B 190 8.85 -17.24 -23.41
N ILE B 191 8.36 -16.87 -22.23
CA ILE B 191 9.10 -15.96 -21.41
C ILE B 191 9.55 -16.70 -20.15
N SER B 192 10.83 -16.56 -19.81
CA SER B 192 11.31 -17.13 -18.57
C SER B 192 11.98 -16.06 -17.73
N ILE B 193 11.81 -16.13 -16.41
CA ILE B 193 12.49 -15.24 -15.45
C ILE B 193 13.19 -16.03 -14.35
N SER B 194 14.53 -15.95 -14.31
CA SER B 194 15.29 -16.76 -13.36
C SER B 194 15.88 -15.88 -12.28
N ASP B 195 15.81 -16.34 -11.03
CA ASP B 195 16.41 -15.63 -9.90
C ASP B 195 17.21 -16.54 -9.01
N GLN B 196 18.11 -15.95 -8.22
CA GLN B 196 18.99 -16.68 -7.30
C GLN B 196 18.48 -16.53 -5.89
N GLY B 197 17.17 -16.69 -5.76
CA GLY B 197 16.41 -16.53 -4.52
C GLY B 197 16.41 -17.68 -3.54
N LEU B 198 15.34 -17.73 -2.76
CA LEU B 198 15.21 -18.70 -1.68
C LEU B 198 14.62 -19.99 -2.21
N GLY B 199 14.24 -19.96 -3.48
CA GLY B 199 13.70 -21.14 -4.14
C GLY B 199 12.38 -21.54 -3.51
N ILE B 200 11.87 -22.70 -3.92
CA ILE B 200 10.58 -23.22 -3.46
C ILE B 200 10.75 -24.69 -3.10
N PRO B 201 10.24 -25.10 -1.92
CA PRO B 201 10.26 -26.53 -1.59
C PRO B 201 9.48 -27.31 -2.64
N ARG B 202 9.96 -28.48 -3.06
CA ARG B 202 9.36 -29.12 -4.22
C ARG B 202 7.95 -29.61 -3.92
N ALA B 203 7.64 -29.69 -2.62
CA ALA B 203 6.29 -30.04 -2.20
C ALA B 203 5.29 -28.98 -2.65
N ASP B 204 5.70 -27.71 -2.63
CA ASP B 204 4.78 -26.58 -2.81
C ASP B 204 4.72 -26.10 -4.25
N LEU B 205 5.59 -26.64 -5.09
CA LEU B 205 5.68 -26.17 -6.46
C LEU B 205 4.31 -26.12 -7.13
N GLY B 206 3.36 -26.92 -6.65
CA GLY B 206 2.00 -26.85 -7.14
C GLY B 206 1.18 -25.69 -6.57
N HIS B 207 1.28 -25.50 -5.26
CA HIS B 207 0.38 -24.63 -4.51
C HIS B 207 0.68 -23.14 -4.68
N VAL B 208 1.81 -22.84 -5.30
CA VAL B 208 2.22 -21.45 -5.47
C VAL B 208 1.24 -20.67 -6.35
N PHE B 209 0.38 -21.37 -7.08
CA PHE B 209 -0.59 -20.68 -7.93
C PHE B 209 -1.99 -20.68 -7.35
N ASP B 210 -2.14 -21.31 -6.18
CA ASP B 210 -3.39 -21.31 -5.44
C ASP B 210 -3.57 -20.00 -4.75
N ARG B 211 -4.81 -19.63 -4.48
CA ARG B 211 -5.09 -18.37 -3.82
C ARG B 211 -4.62 -18.36 -2.36
N PHE B 212 -4.03 -17.23 -1.97
CA PHE B 212 -3.53 -16.97 -0.63
C PHE B 212 -2.36 -17.86 -0.19
N PHE B 213 -1.98 -18.85 -1.00
CA PHE B 213 -0.91 -19.78 -0.60
C PHE B 213 0.50 -19.16 -0.60
N ARG B 214 1.11 -19.13 0.59
CA ARG B 214 2.47 -18.63 0.78
C ARG B 214 3.39 -19.66 1.47
N VAL B 215 4.67 -19.69 1.09
CA VAL B 215 5.61 -20.63 1.69
C VAL B 215 6.00 -20.14 3.11
N ASP B 216 6.73 -20.97 3.86
CA ASP B 216 6.93 -20.79 5.31
C ASP B 216 7.89 -19.69 5.84
N LYS B 217 9.18 -19.77 5.46
CA LYS B 217 10.27 -18.90 5.95
C LYS B 217 9.98 -18.17 7.26
N GLN B 223 9.53 -12.30 3.14
CA GLN B 223 8.59 -11.76 4.12
C GLN B 223 7.57 -10.82 3.47
N GLY B 224 6.29 -11.17 3.56
CA GLY B 224 5.23 -10.25 3.13
C GLY B 224 4.24 -10.72 2.07
N GLY B 225 3.12 -10.00 1.96
CA GLY B 225 2.10 -10.22 0.95
C GLY B 225 0.89 -11.08 1.34
N THR B 226 -0.17 -11.02 0.53
CA THR B 226 -1.40 -11.80 0.79
C THR B 226 -1.38 -13.18 0.11
N GLY B 227 -0.48 -13.36 -0.86
CA GLY B 227 -0.36 -14.60 -1.59
C GLY B 227 -1.30 -14.71 -2.77
N LEU B 228 -1.66 -13.55 -3.34
CA LEU B 228 -2.55 -13.48 -4.51
C LEU B 228 -1.84 -13.08 -5.77
N GLY B 229 -0.55 -12.81 -5.65
CA GLY B 229 0.25 -12.46 -6.81
C GLY B 229 0.18 -13.48 -7.93
N LEU B 230 0.65 -14.70 -7.65
CA LEU B 230 0.73 -15.75 -8.67
C LEU B 230 -0.64 -16.35 -9.04
N ALA B 231 -1.62 -16.23 -8.14
CA ALA B 231 -2.96 -16.71 -8.48
C ALA B 231 -3.56 -15.79 -9.54
N ILE B 232 -3.46 -14.47 -9.31
CA ILE B 232 -3.83 -13.47 -10.31
C ILE B 232 -3.05 -13.68 -11.63
N SER B 233 -1.74 -13.87 -11.53
CA SER B 233 -0.90 -14.15 -12.69
C SER B 233 -1.40 -15.34 -13.51
N LYS B 234 -1.75 -16.43 -12.82
CA LYS B 234 -2.13 -17.67 -13.51
C LYS B 234 -3.48 -17.40 -14.16
N GLU B 235 -4.35 -16.72 -13.41
CA GLU B 235 -5.69 -16.36 -13.85
C GLU B 235 -5.64 -15.59 -15.16
N VAL B 236 -4.78 -14.58 -15.19
CA VAL B 236 -4.61 -13.75 -16.38
C VAL B 236 -4.03 -14.57 -17.54
N VAL B 237 -2.95 -15.31 -17.28
CA VAL B 237 -2.29 -16.04 -18.35
C VAL B 237 -3.24 -17.06 -18.98
N GLN B 238 -4.01 -17.79 -18.18
CA GLN B 238 -4.94 -18.75 -18.76
C GLN B 238 -6.08 -18.05 -19.50
N MET B 239 -6.45 -16.88 -18.99
CA MET B 239 -7.47 -16.04 -19.63
C MET B 239 -7.04 -15.61 -21.05
N LEU B 240 -5.74 -15.50 -21.30
CA LEU B 240 -5.20 -15.13 -22.61
C LEU B 240 -4.84 -16.31 -23.52
N GLY B 241 -5.27 -17.52 -23.15
CA GLY B 241 -5.05 -18.67 -24.00
C GLY B 241 -3.66 -19.27 -23.85
N GLY B 242 -2.95 -18.79 -22.84
CA GLY B 242 -1.61 -19.25 -22.55
C GLY B 242 -1.52 -20.10 -21.30
N ARG B 243 -0.30 -20.49 -20.94
CA ARG B 243 -0.01 -21.39 -19.81
C ARG B 243 1.18 -20.91 -18.97
N ILE B 244 1.10 -21.03 -17.64
CA ILE B 244 2.17 -20.55 -16.76
C ILE B 244 2.62 -21.63 -15.77
N TRP B 245 3.93 -21.75 -15.57
CA TRP B 245 4.43 -22.74 -14.62
C TRP B 245 5.77 -22.36 -14.01
N VAL B 246 6.21 -23.09 -12.98
CA VAL B 246 7.40 -22.69 -12.25
C VAL B 246 8.30 -23.89 -12.04
N ASP B 247 9.60 -23.71 -12.16
CA ASP B 247 10.54 -24.72 -11.65
C ASP B 247 11.42 -24.00 -10.65
N SER B 248 11.95 -24.75 -9.68
CA SER B 248 12.60 -24.11 -8.56
C SER B 248 13.44 -25.08 -7.76
N VAL B 249 14.56 -24.59 -7.25
CA VAL B 249 15.37 -25.40 -6.33
C VAL B 249 15.62 -24.63 -5.03
N GLU B 250 15.07 -25.15 -3.93
CA GLU B 250 15.19 -24.55 -2.61
C GLU B 250 16.63 -24.15 -2.30
N GLY B 251 16.82 -22.87 -2.01
CA GLY B 251 18.11 -22.29 -1.70
C GLY B 251 18.94 -21.89 -2.91
N LYS B 252 18.65 -22.50 -4.05
CA LYS B 252 19.35 -22.22 -5.31
C LYS B 252 18.75 -21.02 -5.99
N GLY B 253 17.49 -21.16 -6.37
CA GLY B 253 16.76 -20.07 -6.97
C GLY B 253 15.54 -20.60 -7.66
N SER B 254 15.05 -19.89 -8.67
CA SER B 254 13.80 -20.28 -9.31
C SER B 254 13.72 -19.79 -10.74
N THR B 255 12.77 -20.31 -11.51
CA THR B 255 12.55 -19.91 -12.89
C THR B 255 11.07 -19.99 -13.20
N PHE B 256 10.49 -18.87 -13.60
CA PHE B 256 9.08 -18.80 -13.94
C PHE B 256 8.92 -18.80 -15.46
N TYR B 257 7.95 -19.57 -15.96
CA TYR B 257 7.71 -19.71 -17.41
C TYR B 257 6.28 -19.31 -17.85
N ILE B 258 6.19 -18.55 -18.93
CA ILE B 258 4.88 -18.32 -19.53
C ILE B 258 4.91 -18.65 -21.03
N SER B 259 3.95 -19.44 -21.49
CA SER B 259 3.82 -19.78 -22.91
C SER B 259 2.57 -19.15 -23.45
N LEU B 260 2.73 -18.45 -24.58
CA LEU B 260 1.60 -17.86 -25.29
C LEU B 260 1.56 -18.30 -26.75
N PRO B 261 0.35 -18.59 -27.25
CA PRO B 261 0.26 -18.99 -28.66
C PRO B 261 0.76 -17.91 -29.62
N TYR B 262 1.53 -18.34 -30.63
CA TYR B 262 2.12 -17.44 -31.61
C TYR B 262 1.53 -17.61 -32.99
N GLU B 263 0.83 -16.57 -33.46
CA GLU B 263 0.14 -16.56 -34.76
C GLU B 263 -0.78 -17.77 -35.00
#